data_4B54
#
_entry.id   4B54
#
_cell.length_a   40.940
_cell.length_b   98.280
_cell.length_c   123.560
_cell.angle_alpha   90.00
_cell.angle_beta   90.00
_cell.angle_gamma   90.00
#
_symmetry.space_group_name_H-M   'P 21 21 21'
#
loop_
_entity.id
_entity.type
_entity.pdbx_description
1 polymer 'LIPOPOLYSACCHARIDE EXPORT SYSTEM PROTEIN LPTC'
2 non-polymer 'ACETATE ION'
3 water water
#
_entity_poly.entity_id   1
_entity_poly.type   'polypeptide(L)'
_entity_poly.pdbx_seq_one_letter_code
;HHHHHHGSMAEKDDTAQVVVNNNDPTYKSEHTDTLVYNPEGALSYRLIAQHVEYYSDQAVSWFTQPVLTTFDKDKIPTWS
VKADKAKLTNDRMLYLYGHVEVNALVPDSQLRRITTDNAQINLVTQDVTSEDLVTLYRTTFNSSGLKMRGNLRSKNAELI
EKVRTSYEIQNKQTQP
;
_entity_poly.pdbx_strand_id   A,B
#
loop_
_chem_comp.id
_chem_comp.type
_chem_comp.name
_chem_comp.formula
ACT non-polymer 'ACETATE ION' 'C2 H3 O2 -1'
#
# COMPACT_ATOMS: atom_id res chain seq x y z
N LEU A 43 7.58 -8.21 -15.54
CA LEU A 43 8.58 -7.17 -15.18
C LEU A 43 8.34 -6.61 -13.78
N SER A 44 9.33 -6.76 -12.91
CA SER A 44 9.25 -6.33 -11.52
C SER A 44 9.15 -4.82 -11.36
N TYR A 45 8.59 -4.39 -10.23
CA TYR A 45 8.64 -3.01 -9.78
C TYR A 45 8.62 -2.93 -8.26
N ARG A 46 9.28 -1.92 -7.72
CA ARG A 46 9.27 -1.67 -6.29
C ARG A 46 8.55 -0.35 -6.04
N LEU A 47 7.77 -0.28 -4.97
CA LEU A 47 7.00 0.92 -4.67
C LEU A 47 7.16 1.36 -3.23
N ILE A 48 7.66 2.56 -3.05
CA ILE A 48 7.93 3.12 -1.73
C ILE A 48 7.16 4.42 -1.53
N ALA A 49 6.56 4.61 -0.37
CA ALA A 49 5.80 5.83 -0.06
C ALA A 49 5.85 6.16 1.42
N GLN A 50 5.63 7.44 1.75
CA GLN A 50 5.69 7.91 3.13
C GLN A 50 4.36 7.81 3.88
N HIS A 51 3.26 7.78 3.12
CA HIS A 51 1.91 7.68 3.69
C HIS A 51 0.98 6.97 2.70
N VAL A 52 0.09 6.14 3.21
CA VAL A 52 -0.79 5.33 2.36
C VAL A 52 -2.20 5.19 2.92
N GLU A 53 -3.20 5.30 2.03
CA GLU A 53 -4.61 5.06 2.38
C GLU A 53 -5.19 4.04 1.40
N TYR A 54 -5.66 2.91 1.92
CA TYR A 54 -6.27 1.87 1.08
C TYR A 54 -7.77 1.75 1.33
N TYR A 55 -8.54 1.60 0.24
CA TYR A 55 -9.97 1.38 0.33
C TYR A 55 -10.33 0.11 -0.43
N SER A 56 -10.81 -0.90 0.30
CA SER A 56 -11.09 -2.21 -0.28
C SER A 56 -12.32 -2.23 -1.18
N ASP A 57 -13.21 -1.24 -0.99
CA ASP A 57 -14.45 -1.14 -1.76
C ASP A 57 -14.24 -0.76 -3.22
N GLN A 58 -13.09 -0.14 -3.51
CA GLN A 58 -12.78 0.33 -4.85
C GLN A 58 -11.44 -0.22 -5.33
N ALA A 59 -10.75 -0.93 -4.45
CA ALA A 59 -9.38 -1.42 -4.68
C ALA A 59 -8.40 -0.35 -5.17
N VAL A 60 -8.65 0.90 -4.79
CA VAL A 60 -7.71 2.00 -5.03
C VAL A 60 -6.94 2.31 -3.76
N SER A 61 -5.76 2.90 -3.92
CA SER A 61 -4.98 3.36 -2.79
C SER A 61 -4.23 4.63 -3.14
N TRP A 62 -4.16 5.55 -2.17
CA TRP A 62 -3.49 6.84 -2.34
C TRP A 62 -2.14 6.87 -1.64
N PHE A 63 -1.10 7.26 -2.39
CA PHE A 63 0.26 7.39 -1.87
C PHE A 63 0.68 8.84 -1.75
N THR A 64 1.47 9.13 -0.72
CA THR A 64 2.12 10.44 -0.55
C THR A 64 3.63 10.28 -0.66
N GLN A 65 4.23 11.11 -1.53
CA GLN A 65 5.66 11.07 -1.83
C GLN A 65 6.09 9.68 -2.31
N PRO A 66 5.43 9.13 -3.35
CA PRO A 66 5.83 7.81 -3.80
C PRO A 66 7.12 7.84 -4.60
N VAL A 67 7.86 6.73 -4.54
CA VAL A 67 9.01 6.52 -5.41
C VAL A 67 8.92 5.11 -5.99
N LEU A 68 8.86 5.03 -7.31
CA LEU A 68 8.71 3.76 -8.00
C LEU A 68 9.97 3.37 -8.77
N THR A 69 10.41 2.14 -8.56
CA THR A 69 11.53 1.57 -9.31
C THR A 69 11.00 0.52 -10.28
N THR A 70 11.40 0.60 -11.54
CA THR A 70 11.03 -0.43 -12.52
C THR A 70 12.24 -1.25 -12.92
N PHE A 71 11.98 -2.48 -13.35
CA PHE A 71 13.04 -3.40 -13.74
C PHE A 71 12.85 -3.87 -15.18
N ASP A 72 13.95 -4.23 -15.84
CA ASP A 72 13.88 -4.76 -17.19
C ASP A 72 13.88 -6.29 -17.23
N LYS A 73 13.99 -6.83 -18.43
CA LYS A 73 14.04 -8.26 -18.71
C LYS A 73 14.94 -9.02 -17.72
N ASP A 74 16.03 -8.38 -17.31
CA ASP A 74 17.12 -9.02 -16.56
C ASP A 74 17.13 -8.72 -15.05
N LYS A 75 16.05 -8.10 -14.57
CA LYS A 75 15.89 -7.68 -13.16
C LYS A 75 16.86 -6.56 -12.75
N ILE A 76 17.16 -5.67 -13.70
CA ILE A 76 18.03 -4.54 -13.45
C ILE A 76 17.21 -3.26 -13.28
N PRO A 77 17.35 -2.56 -12.15
CA PRO A 77 16.66 -1.28 -11.97
C PRO A 77 16.98 -0.35 -13.14
N THR A 78 15.94 0.09 -13.85
CA THR A 78 16.14 0.89 -15.04
C THR A 78 15.66 2.33 -14.88
N TRP A 79 14.50 2.51 -14.23
CA TRP A 79 13.90 3.83 -14.07
C TRP A 79 13.46 4.10 -12.65
N SER A 80 13.56 5.38 -12.27
CA SER A 80 13.10 5.85 -10.99
C SER A 80 12.04 6.93 -11.18
N VAL A 81 10.85 6.72 -10.63
CA VAL A 81 9.72 7.66 -10.76
C VAL A 81 9.30 8.26 -9.41
N LYS A 82 9.40 9.58 -9.30
CA LYS A 82 8.93 10.28 -8.09
C LYS A 82 7.87 11.31 -8.42
N ALA A 83 6.88 11.43 -7.54
CA ALA A 83 5.84 12.45 -7.63
C ALA A 83 5.36 12.83 -6.22
N ASP A 84 4.54 13.88 -6.12
CA ASP A 84 4.01 14.33 -4.82
C ASP A 84 2.93 13.40 -4.29
N LYS A 85 2.03 13.00 -5.19
CA LYS A 85 0.89 12.16 -4.84
C LYS A 85 0.63 11.17 -5.97
N ALA A 86 0.16 9.97 -5.62
CA ALA A 86 -0.19 8.96 -6.62
C ALA A 86 -1.38 8.08 -6.22
N LYS A 87 -2.11 7.62 -7.23
CA LYS A 87 -3.25 6.73 -7.06
C LYS A 87 -3.03 5.46 -7.86
N LEU A 88 -3.27 4.31 -7.23
CA LEU A 88 -3.08 3.01 -7.88
C LEU A 88 -4.40 2.24 -7.94
N THR A 89 -4.89 2.03 -9.16
CA THR A 89 -6.13 1.30 -9.39
C THR A 89 -5.90 -0.22 -9.40
N ASN A 90 -6.98 -0.98 -9.38
CA ASN A 90 -6.89 -2.44 -9.44
C ASN A 90 -6.37 -2.95 -10.78
N ASP A 91 -6.59 -2.17 -11.84
CA ASP A 91 -6.09 -2.47 -13.19
C ASP A 91 -4.57 -2.28 -13.29
N ARG A 92 -3.94 -1.95 -12.16
CA ARG A 92 -2.50 -1.68 -12.07
C ARG A 92 -2.06 -0.46 -12.90
N MET A 93 -2.96 0.51 -13.03
CA MET A 93 -2.63 1.82 -13.56
C MET A 93 -2.24 2.72 -12.40
N LEU A 94 -1.18 3.49 -12.57
CA LEU A 94 -0.71 4.40 -11.53
C LEU A 94 -0.76 5.84 -12.02
N TYR A 95 -1.60 6.66 -11.38
CA TYR A 95 -1.70 8.07 -11.74
C TYR A 95 -0.86 8.91 -10.80
N LEU A 96 0.05 9.70 -11.36
CA LEU A 96 0.94 10.55 -10.56
C LEU A 96 0.59 12.02 -10.71
N TYR A 97 0.60 12.74 -9.59
CA TYR A 97 0.25 14.15 -9.55
C TYR A 97 1.31 14.97 -8.84
N GLY A 98 1.78 16.02 -9.51
CA GLY A 98 2.67 16.99 -8.89
C GLY A 98 4.14 16.66 -9.01
N HIS A 99 4.87 17.53 -9.73
CA HIS A 99 6.33 17.44 -9.89
C HIS A 99 6.78 16.01 -10.19
N VAL A 100 6.26 15.45 -11.28
CA VAL A 100 6.61 14.10 -11.70
C VAL A 100 7.98 14.11 -12.36
N GLU A 101 8.82 13.16 -11.98
CA GLU A 101 10.18 13.07 -12.50
C GLU A 101 10.61 11.62 -12.69
N VAL A 102 10.84 11.25 -13.94
CA VAL A 102 11.36 9.93 -14.28
C VAL A 102 12.85 10.07 -14.57
N ASN A 103 13.65 9.28 -13.86
CA ASN A 103 15.10 9.28 -14.00
C ASN A 103 15.60 7.91 -14.42
N ALA A 104 16.63 7.91 -15.27
CA ALA A 104 17.25 6.67 -15.74
C ALA A 104 18.30 6.17 -14.74
N LEU A 105 18.29 4.87 -14.46
CA LEU A 105 19.20 4.28 -13.48
C LEU A 105 20.38 3.53 -14.10
N VAL A 106 20.41 3.50 -15.44
CA VAL A 106 21.46 2.81 -16.19
C VAL A 106 22.13 3.76 -17.22
N PRO A 107 23.42 3.53 -17.52
CA PRO A 107 24.17 4.39 -18.44
C PRO A 107 23.76 4.25 -19.90
N ASP A 108 23.40 3.04 -20.32
CA ASP A 108 23.03 2.75 -21.70
C ASP A 108 21.54 3.06 -21.97
N SER A 109 21.27 4.33 -22.27
CA SER A 109 19.92 4.82 -22.49
C SER A 109 20.01 6.24 -23.02
N GLN A 110 19.37 6.49 -24.16
CA GLN A 110 19.37 7.81 -24.76
C GLN A 110 18.49 8.77 -23.95
N LEU A 111 17.30 8.31 -23.58
CA LEU A 111 16.42 9.10 -22.73
C LEU A 111 16.92 9.04 -21.30
N ARG A 112 17.17 10.21 -20.72
CA ARG A 112 17.76 10.30 -19.39
C ARG A 112 16.76 10.70 -18.33
N ARG A 113 15.85 11.61 -18.68
CA ARG A 113 14.90 12.18 -17.72
C ARG A 113 13.62 12.68 -18.38
N ILE A 114 12.49 12.43 -17.71
CA ILE A 114 11.21 13.04 -18.08
C ILE A 114 10.70 13.88 -16.91
N THR A 115 10.15 15.05 -17.24
CA THR A 115 9.61 15.98 -16.26
C THR A 115 8.28 16.51 -16.75
N THR A 116 7.25 16.36 -15.91
CA THR A 116 5.90 16.85 -16.21
C THR A 116 5.12 17.08 -14.92
N ASP A 117 3.99 17.79 -15.03
CA ASP A 117 3.10 18.05 -13.88
C ASP A 117 2.38 16.80 -13.38
N ASN A 118 1.69 16.10 -14.29
CA ASN A 118 1.01 14.85 -13.97
C ASN A 118 1.25 13.80 -15.05
N ALA A 119 1.38 12.54 -14.64
CA ALA A 119 1.60 11.45 -15.57
C ALA A 119 0.79 10.18 -15.23
N GLN A 120 0.79 9.23 -16.16
CA GLN A 120 0.09 7.96 -15.99
C GLN A 120 0.99 6.82 -16.47
N ILE A 121 1.21 5.83 -15.61
CA ILE A 121 2.03 4.68 -15.96
C ILE A 121 1.25 3.38 -15.80
N ASN A 122 1.46 2.43 -16.71
CA ASN A 122 0.95 1.08 -16.52
C ASN A 122 2.04 0.17 -15.97
N LEU A 123 1.85 -0.32 -14.75
CA LEU A 123 2.88 -1.08 -14.05
C LEU A 123 3.15 -2.49 -14.62
N VAL A 124 2.36 -2.92 -15.58
CA VAL A 124 2.58 -4.22 -16.23
C VAL A 124 3.25 -4.06 -17.59
N THR A 125 2.65 -3.25 -18.45
CA THR A 125 3.17 -3.03 -19.80
C THR A 125 4.27 -1.97 -19.81
N GLN A 126 4.31 -1.16 -18.76
CA GLN A 126 5.25 -0.05 -18.60
C GLN A 126 5.05 1.14 -19.56
N ASP A 127 3.87 1.19 -20.21
CA ASP A 127 3.50 2.31 -21.05
C ASP A 127 3.29 3.60 -20.24
N VAL A 128 3.76 4.72 -20.77
CA VAL A 128 3.77 6.00 -20.04
C VAL A 128 3.15 7.13 -20.86
N THR A 129 2.29 7.92 -20.22
CA THR A 129 1.65 9.08 -20.87
C THR A 129 1.58 10.33 -19.98
N SER A 130 1.53 11.49 -20.62
CA SER A 130 1.23 12.74 -19.95
C SER A 130 0.39 13.63 -20.87
N GLU A 131 -0.52 14.39 -20.27
CA GLU A 131 -1.39 15.26 -21.04
C GLU A 131 -1.05 16.72 -20.76
N ASP A 132 0.01 16.94 -19.97
CA ASP A 132 0.46 18.27 -19.59
C ASP A 132 1.64 18.73 -20.45
N LEU A 133 2.28 19.81 -20.00
CA LEU A 133 3.54 20.26 -20.58
C LEU A 133 4.63 19.29 -20.12
N VAL A 134 5.43 18.80 -21.07
CA VAL A 134 6.42 17.75 -20.81
C VAL A 134 7.81 18.17 -21.28
N THR A 135 8.84 17.74 -20.54
CA THR A 135 10.23 17.96 -20.94
C THR A 135 10.99 16.64 -21.03
N LEU A 136 11.61 16.38 -22.17
CA LEU A 136 12.43 15.18 -22.36
C LEU A 136 13.92 15.50 -22.41
N TYR A 137 14.68 14.85 -21.53
CA TYR A 137 16.13 15.01 -21.51
C TYR A 137 16.80 13.80 -22.13
N ARG A 138 17.64 14.04 -23.13
CA ARG A 138 18.31 12.98 -23.87
C ARG A 138 19.80 13.23 -23.95
N THR A 139 20.57 12.19 -24.28
CA THR A 139 22.00 12.35 -24.55
C THR A 139 22.21 13.17 -25.83
N THR A 140 21.28 13.06 -26.77
CA THR A 140 21.31 13.85 -28.01
C THR A 140 20.99 15.34 -27.75
N PHE A 141 19.71 15.63 -27.53
CA PHE A 141 19.26 16.98 -27.17
C PHE A 141 18.05 16.96 -26.24
N ASN A 142 17.77 18.10 -25.62
CA ASN A 142 16.60 18.26 -24.75
C ASN A 142 15.41 18.87 -25.50
N SER A 143 14.21 18.39 -25.20
CA SER A 143 13.01 18.85 -25.88
C SER A 143 11.88 19.16 -24.90
N SER A 144 11.05 20.13 -25.28
CA SER A 144 9.80 20.42 -24.58
C SER A 144 8.63 20.37 -25.56
N GLY A 145 7.46 20.03 -25.04
CA GLY A 145 6.27 19.96 -25.87
C GLY A 145 5.04 19.69 -25.04
N LEU A 146 3.88 19.73 -25.70
CA LEU A 146 2.62 19.43 -25.05
C LEU A 146 2.24 17.99 -25.34
N LYS A 147 1.88 17.27 -24.27
CA LYS A 147 1.48 15.85 -24.33
C LYS A 147 2.73 14.99 -24.46
N MET A 148 2.62 13.73 -24.08
CA MET A 148 3.69 12.75 -24.29
C MET A 148 3.16 11.31 -24.29
N ARG A 149 3.94 10.43 -24.93
CA ARG A 149 3.55 9.04 -25.15
C ARG A 149 4.84 8.24 -25.21
N GLY A 150 4.97 7.24 -24.34
CA GLY A 150 6.21 6.46 -24.30
C GLY A 150 6.10 5.09 -23.69
N ASN A 151 7.23 4.39 -23.65
CA ASN A 151 7.32 3.08 -23.01
C ASN A 151 8.68 2.90 -22.34
N LEU A 152 8.64 2.61 -21.04
CA LEU A 152 9.84 2.54 -20.21
C LEU A 152 10.66 1.27 -20.43
N ARG A 153 10.03 0.24 -20.98
CA ARG A 153 10.75 -1.00 -21.28
C ARG A 153 11.63 -0.82 -22.52
N SER A 154 11.07 -0.19 -23.55
CA SER A 154 11.80 0.01 -24.81
C SER A 154 12.57 1.34 -24.81
N LYS A 155 12.42 2.11 -23.73
CA LYS A 155 13.07 3.41 -23.55
C LYS A 155 12.74 4.42 -24.66
N ASN A 156 11.55 4.29 -25.25
CA ASN A 156 11.04 5.22 -26.25
C ASN A 156 10.18 6.31 -25.63
N ALA A 157 10.29 7.53 -26.17
CA ALA A 157 9.46 8.65 -25.71
C ALA A 157 9.27 9.71 -26.80
N GLU A 158 8.01 9.96 -27.15
CA GLU A 158 7.67 10.96 -28.16
C GLU A 158 6.84 12.10 -27.58
N LEU A 159 7.13 13.32 -28.02
CA LEU A 159 6.27 14.47 -27.75
C LEU A 159 5.28 14.60 -28.90
N ILE A 160 4.09 15.11 -28.62
CA ILE A 160 3.03 15.13 -29.61
C ILE A 160 2.83 16.48 -30.32
N GLU A 161 2.81 17.57 -29.56
CA GLU A 161 2.56 18.91 -30.11
C GLU A 161 3.48 19.98 -29.50
N LYS A 162 3.59 21.12 -30.17
CA LYS A 162 4.33 22.32 -29.70
C LYS A 162 5.80 22.07 -29.32
N VAL A 163 6.53 21.43 -30.23
CA VAL A 163 7.91 20.97 -29.96
C VAL A 163 8.94 22.13 -29.98
N ARG A 164 9.76 22.19 -28.93
CA ARG A 164 10.89 23.13 -28.84
C ARG A 164 12.14 22.38 -28.33
N THR A 165 13.10 22.18 -29.23
CA THR A 165 14.28 21.35 -28.94
C THR A 165 15.50 22.18 -28.52
N SER A 166 16.51 21.48 -27.99
CA SER A 166 17.81 22.06 -27.66
C SER A 166 18.63 22.24 -28.94
N TYR A 167 18.28 21.46 -29.96
CA TYR A 167 18.91 21.52 -31.29
C TYR A 167 18.65 22.87 -31.96
N SER B 44 -15.09 -5.63 4.19
CA SER B 44 -14.99 -4.18 3.87
C SER B 44 -14.15 -3.43 4.90
N TYR B 45 -12.98 -2.95 4.47
CA TYR B 45 -12.03 -2.29 5.37
C TYR B 45 -11.35 -1.05 4.76
N ARG B 46 -10.64 -0.32 5.62
CA ARG B 46 -9.79 0.79 5.21
C ARG B 46 -8.44 0.60 5.90
N LEU B 47 -7.35 0.83 5.16
CA LEU B 47 -6.01 0.70 5.73
C LEU B 47 -5.17 1.95 5.55
N ILE B 48 -4.82 2.56 6.68
CA ILE B 48 -3.94 3.71 6.70
C ILE B 48 -2.62 3.32 7.36
N ALA B 49 -1.52 3.67 6.72
CA ALA B 49 -0.19 3.48 7.30
C ALA B 49 0.70 4.67 6.96
N GLN B 50 1.71 4.90 7.79
CA GLN B 50 2.72 5.94 7.53
C GLN B 50 3.56 4.85 6.86
N HIS B 51 4.15 5.17 5.72
CA HIS B 51 5.28 4.49 5.07
C HIS B 51 4.55 3.30 4.49
N VAL B 52 5.13 2.75 3.42
CA VAL B 52 4.83 1.44 2.87
C VAL B 52 5.91 1.06 1.85
N GLU B 53 6.15 -0.24 1.74
CA GLU B 53 7.04 -0.78 0.72
C GLU B 53 6.36 -1.93 0.01
N TYR B 54 6.30 -1.87 -1.32
CA TYR B 54 5.73 -2.95 -2.10
C TYR B 54 6.76 -3.57 -3.03
N TYR B 55 6.80 -4.90 -3.04
CA TYR B 55 7.73 -5.64 -3.88
C TYR B 55 6.95 -6.50 -4.87
N SER B 56 7.13 -6.21 -6.16
CA SER B 56 6.39 -6.88 -7.23
C SER B 56 6.54 -8.40 -7.21
N ASP B 57 7.79 -8.87 -7.25
CA ASP B 57 8.10 -10.30 -7.38
C ASP B 57 7.65 -11.18 -6.20
N GLN B 58 7.46 -10.55 -5.03
CA GLN B 58 7.03 -11.28 -3.83
C GLN B 58 5.55 -11.06 -3.52
N ALA B 59 4.95 -10.06 -4.18
CA ALA B 59 3.57 -9.65 -3.95
C ALA B 59 3.27 -9.36 -2.47
N VAL B 60 4.22 -8.72 -1.80
CA VAL B 60 4.13 -8.45 -0.37
C VAL B 60 4.23 -6.94 -0.10
N SER B 61 3.46 -6.48 0.88
CA SER B 61 3.51 -5.09 1.31
C SER B 61 3.93 -4.99 2.77
N TRP B 62 4.89 -4.11 3.05
CA TRP B 62 5.32 -3.84 4.43
C TRP B 62 4.85 -2.47 4.87
N PHE B 63 4.08 -2.43 5.96
CA PHE B 63 3.51 -1.19 6.48
C PHE B 63 4.14 -0.80 7.81
N THR B 64 4.35 0.50 7.98
CA THR B 64 4.82 1.06 9.24
C THR B 64 3.56 1.67 9.86
N GLN B 65 3.43 1.49 11.17
CA GLN B 65 2.34 2.07 11.96
C GLN B 65 0.99 1.96 11.24
N PRO B 66 0.56 0.72 10.92
CA PRO B 66 -0.72 0.54 10.27
C PRO B 66 -1.90 0.79 11.21
N VAL B 67 -2.99 1.30 10.64
CA VAL B 67 -4.26 1.46 11.35
C VAL B 67 -5.37 0.98 10.43
N LEU B 68 -5.81 -0.25 10.66
CA LEU B 68 -6.93 -0.83 9.92
C LEU B 68 -8.25 -0.40 10.55
N THR B 69 -9.24 -0.12 9.70
CA THR B 69 -10.60 0.17 10.16
C THR B 69 -11.60 -0.66 9.34
N THR B 70 -12.41 -1.44 10.01
CA THR B 70 -13.41 -2.30 9.36
C THR B 70 -14.81 -1.68 9.39
N PHE B 71 -15.53 -1.83 8.28
CA PHE B 71 -16.87 -1.29 8.14
C PHE B 71 -17.88 -2.43 7.93
N ASP B 72 -19.09 -2.24 8.44
CA ASP B 72 -20.16 -3.23 8.24
C ASP B 72 -20.97 -2.95 6.96
N LYS B 73 -22.20 -3.46 6.90
CA LYS B 73 -23.05 -3.34 5.72
C LYS B 73 -23.62 -1.94 5.52
N ASP B 74 -24.01 -1.28 6.61
CA ASP B 74 -24.49 0.11 6.56
C ASP B 74 -23.34 1.11 6.50
N LYS B 75 -22.12 0.58 6.57
CA LYS B 75 -20.86 1.37 6.49
C LYS B 75 -20.64 2.26 7.72
N ILE B 76 -20.64 1.62 8.89
CA ILE B 76 -20.29 2.24 10.16
C ILE B 76 -19.01 1.56 10.67
N PRO B 77 -18.02 2.35 11.13
CA PRO B 77 -16.80 1.79 11.71
C PRO B 77 -17.08 0.90 12.91
N THR B 78 -16.61 -0.34 12.86
CA THR B 78 -16.88 -1.32 13.93
C THR B 78 -15.63 -1.71 14.71
N TRP B 79 -14.56 -2.04 14.00
CA TRP B 79 -13.29 -2.40 14.64
C TRP B 79 -12.15 -1.48 14.22
N SER B 80 -11.20 -1.31 15.12
CA SER B 80 -9.99 -0.56 14.84
C SER B 80 -8.77 -1.39 15.27
N VAL B 81 -8.01 -1.84 14.29
CA VAL B 81 -6.82 -2.62 14.55
C VAL B 81 -5.60 -1.76 14.26
N LYS B 82 -4.63 -1.77 15.18
CA LYS B 82 -3.36 -1.07 14.96
C LYS B 82 -2.18 -1.87 15.50
N ALA B 83 -1.01 -1.65 14.90
CA ALA B 83 0.24 -2.29 15.31
C ALA B 83 1.43 -1.39 14.98
N ASP B 84 2.64 -1.85 15.29
CA ASP B 84 3.86 -1.10 14.97
C ASP B 84 4.30 -1.34 13.53
N LYS B 85 4.16 -2.57 13.08
CA LYS B 85 4.53 -2.97 11.73
C LYS B 85 3.56 -4.05 11.27
N ALA B 86 3.20 -4.04 10.00
CA ALA B 86 2.34 -5.07 9.42
C ALA B 86 2.82 -5.55 8.06
N LYS B 87 2.55 -6.82 7.77
CA LYS B 87 2.93 -7.44 6.50
C LYS B 87 1.69 -7.99 5.83
N LEU B 88 1.50 -7.64 4.56
CA LEU B 88 0.31 -8.09 3.82
C LEU B 88 0.67 -8.92 2.58
N THR B 89 0.23 -10.17 2.56
CA THR B 89 0.50 -11.10 1.46
C THR B 89 -0.61 -11.06 0.40
N ASN B 90 -0.34 -11.65 -0.76
CA ASN B 90 -1.29 -11.64 -1.88
C ASN B 90 -2.59 -12.43 -1.65
N ASP B 91 -2.53 -13.47 -0.81
CA ASP B 91 -3.72 -14.25 -0.45
C ASP B 91 -4.57 -13.60 0.65
N ARG B 92 -4.24 -12.34 0.96
CA ARG B 92 -4.97 -11.50 1.91
C ARG B 92 -4.87 -11.94 3.37
N MET B 93 -3.67 -12.34 3.78
CA MET B 93 -3.33 -12.48 5.19
C MET B 93 -2.66 -11.20 5.66
N LEU B 94 -2.98 -10.76 6.87
CA LEU B 94 -2.34 -9.58 7.45
C LEU B 94 -1.64 -9.97 8.75
N TYR B 95 -0.31 -10.00 8.69
CA TYR B 95 0.52 -10.28 9.87
C TYR B 95 0.84 -8.98 10.59
N LEU B 96 0.46 -8.91 11.86
CA LEU B 96 0.65 -7.70 12.67
C LEU B 96 1.72 -7.92 13.72
N TYR B 97 2.63 -6.95 13.83
CA TYR B 97 3.82 -7.10 14.67
C TYR B 97 4.03 -5.93 15.63
N GLY B 98 4.16 -6.25 16.91
CA GLY B 98 4.48 -5.25 17.93
C GLY B 98 3.30 -4.40 18.35
N HIS B 99 2.97 -4.48 19.64
CA HIS B 99 1.90 -3.67 20.25
C HIS B 99 0.58 -3.70 19.50
N VAL B 100 0.11 -4.91 19.18
CA VAL B 100 -1.17 -5.10 18.51
C VAL B 100 -2.31 -4.72 19.45
N GLU B 101 -3.22 -3.89 18.96
CA GLU B 101 -4.37 -3.44 19.72
C GLU B 101 -5.62 -3.43 18.83
N VAL B 102 -6.65 -4.13 19.27
CA VAL B 102 -7.94 -4.17 18.59
C VAL B 102 -8.94 -3.42 19.46
N ASN B 103 -9.74 -2.55 18.85
CA ASN B 103 -10.70 -1.74 19.57
C ASN B 103 -12.06 -1.74 18.89
N ALA B 104 -13.10 -2.02 19.67
CA ALA B 104 -14.47 -1.85 19.20
C ALA B 104 -14.79 -0.37 19.08
N LEU B 105 -15.36 0.01 17.94
CA LEU B 105 -15.73 1.40 17.68
C LEU B 105 -17.24 1.61 17.79
N VAL B 106 -17.95 0.51 18.07
CA VAL B 106 -19.40 0.51 18.25
C VAL B 106 -19.78 0.17 19.69
N PRO B 107 -20.72 0.93 20.28
CA PRO B 107 -21.13 0.71 21.68
C PRO B 107 -21.81 -0.65 21.92
N ASP B 108 -22.40 -1.22 20.87
CA ASP B 108 -23.16 -2.47 20.99
C ASP B 108 -22.32 -3.73 20.73
N SER B 109 -21.26 -3.88 21.50
CA SER B 109 -20.38 -5.05 21.43
C SER B 109 -19.81 -5.33 22.80
N GLN B 110 -19.96 -6.56 23.28
CA GLN B 110 -19.49 -6.93 24.62
C GLN B 110 -17.97 -7.02 24.74
N LEU B 111 -17.30 -7.31 23.62
CA LEU B 111 -15.84 -7.36 23.55
C LEU B 111 -15.28 -6.01 23.11
N ARG B 112 -14.55 -5.34 24.01
CA ARG B 112 -14.15 -3.94 23.80
C ARG B 112 -12.74 -3.73 23.26
N ARG B 113 -11.84 -4.64 23.62
CA ARG B 113 -10.43 -4.52 23.28
C ARG B 113 -9.69 -5.85 23.36
N ILE B 114 -8.84 -6.11 22.36
CA ILE B 114 -7.88 -7.21 22.41
C ILE B 114 -6.49 -6.58 22.40
N THR B 115 -5.60 -7.08 23.26
CA THR B 115 -4.19 -6.65 23.26
C THR B 115 -3.25 -7.85 23.26
N THR B 116 -2.25 -7.79 22.38
CA THR B 116 -1.22 -8.82 22.24
C THR B 116 0.02 -8.26 21.53
N ASP B 117 1.08 -9.07 21.45
CA ASP B 117 2.32 -8.68 20.78
C ASP B 117 2.30 -8.89 19.27
N ASN B 118 1.80 -10.05 18.85
CA ASN B 118 1.68 -10.39 17.43
C ASN B 118 0.34 -11.05 17.14
N ALA B 119 -0.28 -10.67 16.03
CA ALA B 119 -1.57 -11.19 15.62
C ALA B 119 -1.62 -11.49 14.12
N GLN B 120 -2.69 -12.15 13.70
CA GLN B 120 -2.84 -12.59 12.32
C GLN B 120 -4.32 -12.50 11.91
N ILE B 121 -4.60 -11.72 10.87
CA ILE B 121 -5.97 -11.56 10.36
C ILE B 121 -6.10 -12.07 8.93
N ASN B 122 -7.08 -12.95 8.71
CA ASN B 122 -7.47 -13.32 7.35
C ASN B 122 -8.59 -12.39 6.89
N LEU B 123 -8.28 -11.53 5.92
CA LEU B 123 -9.20 -10.48 5.48
C LEU B 123 -10.45 -11.01 4.77
N VAL B 124 -10.39 -12.23 4.27
CA VAL B 124 -11.54 -12.87 3.62
C VAL B 124 -12.54 -13.40 4.65
N THR B 125 -12.07 -14.27 5.55
CA THR B 125 -12.95 -14.93 6.53
C THR B 125 -13.10 -14.13 7.83
N GLN B 126 -12.43 -12.98 7.91
CA GLN B 126 -12.51 -12.08 9.08
C GLN B 126 -11.98 -12.71 10.38
N ASP B 127 -11.28 -13.84 10.26
CA ASP B 127 -10.74 -14.56 11.40
C ASP B 127 -9.55 -13.84 12.04
N VAL B 128 -9.34 -14.07 13.33
CA VAL B 128 -8.23 -13.47 14.07
C VAL B 128 -7.59 -14.52 14.96
N THR B 129 -6.28 -14.71 14.80
CA THR B 129 -5.53 -15.64 15.64
C THR B 129 -4.29 -14.98 16.23
N SER B 130 -3.77 -15.59 17.30
CA SER B 130 -2.51 -15.17 17.92
C SER B 130 -1.88 -16.36 18.63
N GLU B 131 -0.55 -16.41 18.63
CA GLU B 131 0.18 -17.49 19.29
C GLU B 131 0.83 -17.01 20.59
N ASP B 132 0.61 -15.73 20.91
CA ASP B 132 1.24 -15.10 22.08
C ASP B 132 0.32 -15.04 23.30
N LEU B 133 0.81 -14.37 24.34
CA LEU B 133 0.01 -14.08 25.53
C LEU B 133 -0.96 -12.96 25.18
N VAL B 134 -2.24 -13.21 25.42
CA VAL B 134 -3.31 -12.30 25.00
C VAL B 134 -4.14 -11.82 26.17
N THR B 135 -4.57 -10.56 26.10
CA THR B 135 -5.48 -9.99 27.09
C THR B 135 -6.77 -9.54 26.41
N LEU B 136 -7.90 -10.03 26.91
CA LEU B 136 -9.21 -9.64 26.39
C LEU B 136 -9.93 -8.74 27.39
N TYR B 137 -10.45 -7.62 26.89
CA TYR B 137 -11.25 -6.70 27.70
C TYR B 137 -12.70 -6.76 27.23
N ARG B 138 -13.57 -7.27 28.10
CA ARG B 138 -14.99 -7.27 27.84
C ARG B 138 -15.67 -6.27 28.78
N THR B 139 -16.97 -6.04 28.59
CA THR B 139 -17.71 -5.10 29.42
C THR B 139 -17.94 -5.65 30.82
N THR B 140 -17.98 -6.97 30.95
CA THR B 140 -18.29 -7.62 32.21
C THR B 140 -17.07 -8.16 32.97
N PHE B 141 -16.01 -8.51 32.23
CA PHE B 141 -14.76 -9.00 32.84
C PHE B 141 -13.57 -8.95 31.89
N ASN B 142 -12.37 -9.06 32.47
CA ASN B 142 -11.14 -9.14 31.69
C ASN B 142 -10.50 -10.52 31.79
N SER B 143 -9.74 -10.89 30.76
CA SER B 143 -9.12 -12.21 30.67
C SER B 143 -7.67 -12.16 30.25
N SER B 144 -6.89 -13.11 30.75
CA SER B 144 -5.52 -13.33 30.31
C SER B 144 -5.35 -14.80 29.98
N GLY B 145 -4.53 -15.09 28.98
CA GLY B 145 -4.28 -16.47 28.57
C GLY B 145 -3.33 -16.57 27.39
N LEU B 146 -2.94 -17.80 27.08
CA LEU B 146 -2.02 -18.06 25.97
C LEU B 146 -2.79 -18.58 24.77
N LYS B 147 -2.44 -18.07 23.58
CA LYS B 147 -3.12 -18.37 22.31
C LYS B 147 -4.52 -17.75 22.26
N MET B 148 -5.01 -17.49 21.06
CA MET B 148 -6.31 -16.83 20.87
C MET B 148 -6.86 -17.08 19.47
N ARG B 149 -8.16 -17.33 19.40
CA ARG B 149 -8.87 -17.54 18.13
C ARG B 149 -10.23 -16.88 18.16
N GLY B 150 -10.45 -15.95 17.23
CA GLY B 150 -11.71 -15.22 17.15
C GLY B 150 -12.12 -14.84 15.74
N ASN B 151 -13.19 -14.06 15.64
CA ASN B 151 -13.69 -13.56 14.36
C ASN B 151 -14.27 -12.16 14.54
N LEU B 152 -14.05 -11.30 13.55
CA LEU B 152 -14.49 -9.91 13.64
C LEU B 152 -15.96 -9.70 13.28
N ARG B 153 -16.49 -10.54 12.39
CA ARG B 153 -17.90 -10.46 12.01
C ARG B 153 -18.82 -10.98 13.13
N SER B 154 -18.49 -12.14 13.70
CA SER B 154 -19.28 -12.73 14.78
C SER B 154 -19.03 -12.10 16.15
N LYS B 155 -18.00 -11.25 16.23
CA LYS B 155 -17.62 -10.50 17.44
C LYS B 155 -17.26 -11.37 18.66
N ASN B 156 -16.84 -12.60 18.39
CA ASN B 156 -16.41 -13.54 19.44
C ASN B 156 -14.90 -13.73 19.50
N ALA B 157 -14.41 -14.08 20.69
CA ALA B 157 -12.99 -14.33 20.91
C ALA B 157 -12.79 -15.38 22.02
N GLU B 158 -11.91 -16.35 21.77
CA GLU B 158 -11.65 -17.43 22.71
C GLU B 158 -10.17 -17.46 23.11
N LEU B 159 -9.88 -17.90 24.33
CA LEU B 159 -8.51 -18.18 24.77
C LEU B 159 -8.32 -19.68 24.97
N ILE B 160 -7.17 -20.19 24.55
CA ILE B 160 -6.93 -21.64 24.55
C ILE B 160 -6.35 -22.18 25.88
N GLU B 161 -5.26 -21.58 26.35
CA GLU B 161 -4.51 -22.11 27.49
C GLU B 161 -4.26 -21.12 28.63
N LYS B 162 -4.18 -21.65 29.85
CA LYS B 162 -3.87 -20.89 31.07
C LYS B 162 -4.71 -19.62 31.21
N VAL B 163 -6.02 -19.80 31.26
CA VAL B 163 -6.97 -18.68 31.30
C VAL B 163 -7.18 -18.17 32.73
N ARG B 164 -6.97 -16.86 32.92
CA ARG B 164 -7.19 -16.20 34.22
C ARG B 164 -8.11 -14.99 34.04
N THR B 165 -9.20 -14.97 34.81
CA THR B 165 -10.26 -13.97 34.66
C THR B 165 -10.37 -13.07 35.89
N SER B 166 -10.68 -11.79 35.67
CA SER B 166 -10.63 -10.76 36.71
C SER B 166 -11.67 -10.88 37.85
N TYR B 167 -12.52 -11.90 37.78
CA TYR B 167 -13.57 -12.10 38.78
C TYR B 167 -13.32 -13.31 39.70
N GLU B 168 -12.22 -14.01 39.47
CA GLU B 168 -11.91 -15.27 40.18
C GLU B 168 -11.65 -15.09 41.68
C ACT C . 14.20 22.98 -23.40
O ACT C . 14.09 22.92 -24.64
OXT ACT C . 15.25 22.50 -22.92
CH3 ACT C . 13.14 23.59 -22.54
#